data_2Y38
#
_entry.id   2Y38
#
_cell.length_a   116.400
_cell.length_b   116.400
_cell.length_c   112.300
_cell.angle_alpha   90.00
_cell.angle_beta   90.00
_cell.angle_gamma   120.00
#
_symmetry.space_group_name_H-M   'P 62'
#
loop_
_entity.id
_entity.type
_entity.pdbx_description
1 polymer 'LAMININ SUBUNIT ALPHA-5'
2 branched 2-acetamido-2-deoxy-beta-D-glucopyranose-(1-4)-2-acetamido-2-deoxy-beta-D-glucopyranose
3 non-polymer 2-acetamido-2-deoxy-beta-D-glucopyranose
4 non-polymer 'PHOSPHATE ION'
#
_entity_poly.entity_id   1
_entity_poly.type   'polypeptide(L)'
_entity_poly.pdbx_seq_one_letter_code
;APLAGGDGFSLHPPYFNLAEGARITASATCGEEAPTRSVSRPTEDLYCKLVGGPVAGGDPAQTIQGQYCDICTAANSNKA
HPVSNAIDGTERWWQSPPLSRGLEYNEVNVTLDLGQVFHVAYVLIKFANSPRPDLWVLERSTDFGHTYQPWQFFASSKRD
CLERFGPRTLERITQDDDVICTTEYSRIVPLENGEIVVSLVNGRPGALNFSYSPLLRDFTKATNIRLRFLRTNTLLGHLM
GKALRDPTVTRRYYYSIKDISIGGRCVCHGHADVCDAKDPLDPFRLQCACQHNTCGGSCDRCCPGFNQQPWKPATTDSAN
ECQSCNCHGHAYDCYYDPEVDRREASQNQDNVYQGGGVCLDCQHHTTGINCERCLPGFFRAPDQPLDSPHVCRPAAAHHH
HHH
;
_entity_poly.pdbx_strand_id   A
#
loop_
_chem_comp.id
_chem_comp.type
_chem_comp.name
_chem_comp.formula
NAG D-saccharide, beta linking 2-acetamido-2-deoxy-beta-D-glucopyranose 'C8 H15 N O6'
PO4 non-polymer 'PHOSPHATE ION' 'O4 P -3'
#
# COMPACT_ATOMS: atom_id res chain seq x y z
N GLY A 8 19.90 9.72 -10.69
CA GLY A 8 19.02 8.63 -10.17
C GLY A 8 17.72 9.23 -9.68
N PHE A 9 16.60 8.56 -9.96
CA PHE A 9 15.27 9.05 -9.59
C PHE A 9 14.36 7.84 -9.28
N SER A 10 13.20 8.08 -8.70
CA SER A 10 12.28 7.01 -8.36
C SER A 10 11.54 6.45 -9.54
N LEU A 11 11.21 5.16 -9.45
CA LEU A 11 10.47 4.48 -10.48
C LEU A 11 9.15 4.09 -9.85
N HIS A 12 8.05 4.19 -10.57
CA HIS A 12 6.76 3.82 -10.03
C HIS A 12 5.93 3.08 -11.06
N PRO A 13 5.32 1.95 -10.69
CA PRO A 13 4.52 1.24 -11.70
C PRO A 13 3.24 2.02 -11.99
N PRO A 14 2.66 1.82 -13.17
CA PRO A 14 1.42 2.54 -13.56
C PRO A 14 0.23 2.32 -12.64
N TYR A 15 -0.71 3.26 -12.63
CA TYR A 15 -1.90 3.08 -11.81
C TYR A 15 -2.85 2.18 -12.60
N PHE A 16 -3.77 1.53 -11.93
CA PHE A 16 -4.74 0.70 -12.62
C PHE A 16 -5.88 0.57 -11.66
N ASN A 17 -6.97 -0.07 -12.07
CA ASN A 17 -8.13 -0.16 -11.22
C ASN A 17 -8.16 -1.34 -10.26
N LEU A 18 -7.71 -1.10 -9.03
CA LEU A 18 -7.71 -2.12 -7.99
C LEU A 18 -9.08 -2.78 -7.85
N ALA A 19 -10.12 -2.09 -8.26
CA ALA A 19 -11.46 -2.62 -8.14
C ALA A 19 -11.60 -3.89 -8.93
N GLU A 20 -11.31 -3.77 -10.23
CA GLU A 20 -11.39 -4.84 -11.23
C GLU A 20 -11.39 -6.31 -10.76
N GLY A 21 -10.27 -6.79 -10.22
CA GLY A 21 -10.26 -8.17 -9.78
C GLY A 21 -10.33 -8.40 -8.29
N ALA A 22 -11.15 -7.63 -7.59
CA ALA A 22 -11.23 -7.77 -6.14
C ALA A 22 -12.49 -8.47 -5.64
N ARG A 23 -12.45 -8.87 -4.37
CA ARG A 23 -13.58 -9.54 -3.73
C ARG A 23 -14.45 -8.45 -3.11
N ILE A 24 -15.72 -8.39 -3.51
CA ILE A 24 -16.61 -7.37 -2.97
C ILE A 24 -17.76 -8.00 -2.20
N THR A 25 -18.19 -7.33 -1.13
CA THR A 25 -19.28 -7.86 -0.32
C THR A 25 -20.16 -6.78 0.29
N ALA A 26 -21.42 -7.12 0.53
CA ALA A 26 -22.38 -6.20 1.13
C ALA A 26 -23.02 -6.89 2.33
N SER A 27 -23.20 -6.13 3.41
CA SER A 27 -23.80 -6.67 4.64
C SER A 27 -25.28 -6.98 4.38
N ALA A 28 -25.89 -6.18 3.51
CA ALA A 28 -27.29 -6.34 3.12
C ALA A 28 -27.24 -6.16 1.62
N THR A 29 -28.27 -6.60 0.88
CA THR A 29 -28.17 -6.45 -0.56
C THR A 29 -29.42 -6.33 -1.43
N CYS A 30 -30.45 -7.12 -1.16
CA CYS A 30 -31.65 -7.09 -2.00
C CYS A 30 -32.42 -5.77 -2.04
N HIS A 81 -30.01 -7.35 -8.16
CA HIS A 81 -28.97 -6.34 -7.95
C HIS A 81 -27.93 -6.74 -6.90
N PRO A 82 -27.19 -7.85 -7.12
CA PRO A 82 -26.18 -8.25 -6.13
C PRO A 82 -25.01 -7.26 -6.09
N VAL A 83 -24.07 -7.50 -5.17
CA VAL A 83 -22.92 -6.62 -5.01
C VAL A 83 -22.08 -6.46 -6.28
N SER A 84 -21.72 -7.59 -6.89
CA SER A 84 -20.91 -7.62 -8.11
C SER A 84 -21.19 -6.49 -9.10
N ASN A 85 -22.46 -6.14 -9.27
CA ASN A 85 -22.83 -5.09 -10.20
C ASN A 85 -22.02 -3.81 -10.02
N ALA A 86 -21.44 -3.64 -8.84
CA ALA A 86 -20.65 -2.46 -8.57
C ALA A 86 -19.33 -2.52 -9.33
N ILE A 87 -18.53 -3.52 -8.99
CA ILE A 87 -17.22 -3.70 -9.63
C ILE A 87 -17.17 -4.21 -11.05
N ASP A 88 -18.31 -4.63 -11.60
CA ASP A 88 -18.31 -5.08 -12.99
C ASP A 88 -18.42 -3.77 -13.78
N GLY A 89 -18.45 -3.82 -15.10
CA GLY A 89 -18.51 -2.58 -15.85
C GLY A 89 -19.81 -2.23 -16.57
N THR A 90 -20.89 -2.91 -16.20
CA THR A 90 -22.19 -2.64 -16.84
C THR A 90 -22.92 -1.48 -16.21
N GLU A 91 -24.08 -1.16 -16.77
CA GLU A 91 -24.90 -0.07 -16.25
C GLU A 91 -25.77 -0.63 -15.14
N ARG A 92 -25.53 -1.91 -14.80
CA ARG A 92 -26.26 -2.59 -13.73
C ARG A 92 -25.82 -2.02 -12.40
N TRP A 93 -26.39 -2.49 -11.30
CA TRP A 93 -26.01 -1.95 -10.01
C TRP A 93 -26.50 -2.72 -8.80
N TRP A 94 -25.79 -2.54 -7.69
CA TRP A 94 -26.15 -3.17 -6.44
C TRP A 94 -27.07 -2.18 -5.77
N GLN A 95 -28.02 -2.68 -4.98
CA GLN A 95 -28.98 -1.80 -4.31
C GLN A 95 -29.49 -2.37 -2.99
N SER A 96 -29.24 -1.65 -1.90
CA SER A 96 -29.67 -2.08 -0.57
C SER A 96 -31.19 -2.13 -0.40
N PRO A 97 -31.66 -2.92 0.58
CA PRO A 97 -33.10 -3.04 0.84
C PRO A 97 -33.69 -1.73 1.35
N PRO A 98 -34.75 -1.24 0.69
CA PRO A 98 -35.44 0.02 1.05
C PRO A 98 -35.78 0.06 2.54
N LEU A 99 -35.63 1.23 3.14
CA LEU A 99 -35.92 1.40 4.57
C LEU A 99 -37.24 0.77 4.99
N SER A 100 -38.13 0.55 4.03
CA SER A 100 -39.44 -0.05 4.27
C SER A 100 -39.42 -1.09 5.38
N ARG A 101 -39.27 -2.36 4.99
CA ARG A 101 -39.26 -3.45 5.96
C ARG A 101 -37.90 -3.55 6.66
N GLY A 102 -37.14 -2.47 6.59
CA GLY A 102 -35.84 -2.48 7.22
C GLY A 102 -35.67 -1.42 8.29
N LEU A 103 -35.26 -1.86 9.48
CA LEU A 103 -35.05 -0.94 10.59
C LEU A 103 -33.66 -0.31 10.49
N GLU A 104 -32.64 -1.11 10.78
CA GLU A 104 -31.26 -0.66 10.76
C GLU A 104 -30.62 -0.71 9.36
N TYR A 105 -31.46 -0.88 8.33
CA TYR A 105 -30.98 -0.94 6.95
C TYR A 105 -30.73 0.46 6.44
N ASN A 106 -30.20 1.30 7.33
CA ASN A 106 -29.87 2.67 7.01
C ASN A 106 -28.36 2.67 7.21
N GLU A 107 -27.86 1.51 7.57
CA GLU A 107 -26.44 1.30 7.82
C GLU A 107 -25.97 0.03 7.11
N VAL A 108 -25.32 0.22 5.96
CA VAL A 108 -24.80 -0.92 5.19
C VAL A 108 -23.29 -0.81 5.08
N ASN A 109 -22.65 -1.87 4.60
CA ASN A 109 -21.22 -1.87 4.41
C ASN A 109 -20.79 -2.60 3.14
N VAL A 110 -20.27 -1.86 2.17
CA VAL A 110 -19.79 -2.49 0.94
C VAL A 110 -18.29 -2.63 1.12
N THR A 111 -17.79 -3.84 0.92
CA THR A 111 -16.37 -4.09 1.12
C THR A 111 -15.60 -4.72 -0.04
N LEU A 112 -14.40 -4.18 -0.27
CA LEU A 112 -13.51 -4.64 -1.33
C LEU A 112 -12.23 -5.22 -0.72
N ASP A 113 -11.84 -6.41 -1.16
CA ASP A 113 -10.62 -7.02 -0.64
C ASP A 113 -9.65 -7.12 -1.81
N LEU A 114 -8.44 -6.62 -1.61
CA LEU A 114 -7.44 -6.65 -2.67
C LEU A 114 -6.41 -7.73 -2.39
N GLY A 115 -5.67 -8.16 -3.41
CA GLY A 115 -4.68 -9.20 -3.20
C GLY A 115 -3.70 -8.86 -2.09
N GLN A 116 -2.66 -8.11 -2.45
CA GLN A 116 -1.63 -7.68 -1.53
C GLN A 116 -2.06 -6.35 -0.97
N VAL A 117 -1.09 -5.56 -0.56
CA VAL A 117 -1.28 -4.22 0.00
C VAL A 117 -0.80 -3.20 -1.05
N PHE A 118 -1.71 -2.41 -1.61
CA PHE A 118 -1.35 -1.41 -2.62
C PHE A 118 -1.34 0.05 -2.11
N HIS A 119 -0.84 0.95 -2.95
CA HIS A 119 -0.90 2.39 -2.64
C HIS A 119 -2.15 2.85 -3.37
N VAL A 120 -3.12 3.40 -2.64
CA VAL A 120 -4.35 3.87 -3.25
C VAL A 120 -4.30 5.37 -3.51
N ALA A 121 -4.56 5.78 -4.75
CA ALA A 121 -4.53 7.20 -5.11
C ALA A 121 -5.88 7.88 -5.03
N TYR A 122 -6.96 7.12 -5.17
CA TYR A 122 -8.29 7.72 -5.10
C TYR A 122 -9.37 6.66 -5.16
N VAL A 123 -10.45 6.88 -4.42
CA VAL A 123 -11.56 5.95 -4.47
C VAL A 123 -12.73 6.72 -5.09
N LEU A 124 -13.25 6.22 -6.21
CA LEU A 124 -14.36 6.83 -6.92
C LEU A 124 -15.63 5.97 -6.85
N ILE A 125 -16.68 6.52 -6.28
CA ILE A 125 -17.96 5.81 -6.21
C ILE A 125 -18.96 6.50 -7.14
N LYS A 126 -19.83 5.71 -7.76
CA LYS A 126 -20.80 6.27 -8.67
C LYS A 126 -22.16 5.67 -8.33
N PHE A 127 -23.08 6.53 -7.91
CA PHE A 127 -24.42 6.09 -7.52
C PHE A 127 -25.41 6.03 -8.67
N ALA A 128 -26.35 5.09 -8.61
CA ALA A 128 -27.34 4.93 -9.66
C ALA A 128 -28.70 5.51 -9.26
N ASN A 129 -29.67 4.63 -9.07
CA ASN A 129 -31.02 5.03 -8.68
C ASN A 129 -31.10 5.40 -7.20
N SER A 130 -30.34 6.41 -6.80
CA SER A 130 -30.33 6.83 -5.41
C SER A 130 -29.43 8.03 -5.25
N PRO A 131 -29.79 8.95 -4.34
CA PRO A 131 -28.95 10.14 -4.13
C PRO A 131 -27.80 9.75 -3.19
N ARG A 132 -26.70 10.50 -3.23
CA ARG A 132 -25.57 10.20 -2.37
C ARG A 132 -26.08 10.11 -0.93
N PRO A 133 -25.39 9.32 -0.10
CA PRO A 133 -25.82 9.19 1.30
C PRO A 133 -25.52 10.43 2.14
N ASP A 134 -26.20 10.53 3.28
CA ASP A 134 -26.03 11.67 4.19
C ASP A 134 -24.78 11.45 5.06
N LEU A 135 -24.72 10.31 5.76
CA LEU A 135 -23.60 10.00 6.63
C LEU A 135 -22.94 8.64 6.40
N TRP A 136 -21.71 8.64 5.89
CA TRP A 136 -20.97 7.40 5.66
C TRP A 136 -19.50 7.58 5.98
N VAL A 137 -18.80 6.46 6.15
CA VAL A 137 -17.38 6.48 6.46
C VAL A 137 -16.56 5.66 5.45
N LEU A 138 -15.55 6.30 4.85
CA LEU A 138 -14.67 5.62 3.90
C LEU A 138 -13.48 5.09 4.69
N GLU A 139 -13.41 3.77 4.82
CA GLU A 139 -12.34 3.13 5.58
C GLU A 139 -11.43 2.21 4.78
N ARG A 140 -10.21 2.02 5.28
CA ARG A 140 -9.21 1.17 4.65
C ARG A 140 -8.71 0.19 5.69
N SER A 141 -7.80 -0.69 5.29
CA SER A 141 -7.21 -1.66 6.21
C SER A 141 -5.79 -1.95 5.77
N THR A 142 -4.88 -2.06 6.73
CA THR A 142 -3.49 -2.35 6.41
C THR A 142 -3.16 -3.74 6.91
N ASP A 143 -4.20 -4.37 7.46
CA ASP A 143 -4.14 -5.75 7.95
C ASP A 143 -4.91 -6.35 6.79
N PHE A 144 -5.25 -7.63 6.83
CA PHE A 144 -6.01 -8.15 5.71
C PHE A 144 -7.48 -8.32 6.07
N GLY A 145 -7.90 -7.57 7.08
CA GLY A 145 -9.28 -7.63 7.53
C GLY A 145 -9.44 -7.40 9.03
N HIS A 146 -8.55 -6.61 9.63
CA HIS A 146 -8.65 -6.33 11.06
C HIS A 146 -8.65 -4.83 11.35
N THR A 147 -7.65 -4.38 12.09
CA THR A 147 -7.52 -2.98 12.47
C THR A 147 -7.86 -1.95 11.38
N TYR A 148 -9.15 -1.70 11.15
CA TYR A 148 -9.55 -0.71 10.17
C TYR A 148 -9.15 0.68 10.67
N GLN A 149 -9.43 1.69 9.85
CA GLN A 149 -9.10 3.07 10.17
C GLN A 149 -9.87 3.92 9.18
N PRO A 150 -10.38 5.05 9.62
CA PRO A 150 -11.10 5.82 8.61
C PRO A 150 -10.14 6.66 7.78
N TRP A 151 -10.57 7.02 6.57
CA TRP A 151 -9.78 7.85 5.67
C TRP A 151 -10.45 9.22 5.61
N GLN A 152 -11.78 9.21 5.52
CA GLN A 152 -12.56 10.45 5.47
C GLN A 152 -13.99 10.19 5.94
N PHE A 153 -14.60 11.22 6.55
CA PHE A 153 -15.98 11.13 7.05
C PHE A 153 -16.89 11.98 6.19
N PHE A 154 -18.16 11.64 6.13
CA PHE A 154 -19.08 12.41 5.30
C PHE A 154 -20.37 12.78 6.03
N ALA A 155 -20.70 14.07 5.99
CA ALA A 155 -21.89 14.58 6.66
C ALA A 155 -22.48 15.84 6.01
N SER A 156 -23.81 15.95 6.06
CA SER A 156 -24.52 17.09 5.47
C SER A 156 -24.44 18.34 6.34
N SER A 157 -24.51 18.15 7.66
CA SER A 157 -24.45 19.27 8.61
C SER A 157 -23.13 19.26 9.39
N LYS A 158 -22.33 20.31 9.21
CA LYS A 158 -21.04 20.41 9.89
C LYS A 158 -21.15 20.13 11.38
N ARG A 159 -22.35 20.25 11.92
CA ARG A 159 -22.57 19.98 13.33
C ARG A 159 -22.73 18.47 13.52
N ASP A 160 -23.29 17.81 12.51
CA ASP A 160 -23.50 16.36 12.57
C ASP A 160 -22.15 15.66 12.73
N CYS A 161 -21.12 16.21 12.09
CA CYS A 161 -19.78 15.64 12.17
C CYS A 161 -19.43 15.37 13.62
N LEU A 162 -19.22 16.45 14.36
CA LEU A 162 -18.86 16.39 15.76
C LEU A 162 -19.84 15.57 16.59
N GLU A 163 -21.12 15.67 16.25
CA GLU A 163 -22.15 14.93 16.96
C GLU A 163 -21.94 13.43 16.78
N ARG A 164 -21.65 13.02 15.55
CA ARG A 164 -21.46 11.59 15.22
C ARG A 164 -20.01 11.08 15.18
N PHE A 165 -19.07 11.97 14.86
CA PHE A 165 -17.66 11.55 14.75
C PHE A 165 -16.75 12.05 15.85
N GLY A 166 -16.57 13.37 15.95
CA GLY A 166 -15.71 13.91 16.98
C GLY A 166 -15.42 15.38 16.80
N PRO A 167 -15.13 16.10 17.90
CA PRO A 167 -14.84 17.54 17.84
C PRO A 167 -13.72 17.91 16.87
N ARG A 168 -12.66 17.12 16.87
CA ARG A 168 -11.50 17.37 16.02
C ARG A 168 -11.73 16.99 14.55
N THR A 169 -12.78 16.23 14.29
CA THR A 169 -13.06 15.80 12.93
C THR A 169 -13.51 16.90 11.98
N LEU A 170 -12.92 18.10 12.11
CA LEU A 170 -13.31 19.21 11.25
C LEU A 170 -12.16 20.11 10.83
N GLU A 171 -11.13 20.19 11.65
CA GLU A 171 -9.97 21.03 11.34
C GLU A 171 -9.47 20.68 9.93
N ARG A 172 -9.05 21.69 9.18
CA ARG A 172 -8.55 21.46 7.83
C ARG A 172 -7.27 20.60 7.86
N ILE A 173 -6.94 20.01 6.71
CA ILE A 173 -5.76 19.15 6.57
C ILE A 173 -4.46 19.89 6.87
N THR A 174 -3.79 19.47 7.93
CA THR A 174 -2.52 20.10 8.30
C THR A 174 -1.38 19.10 8.19
N GLN A 175 -1.67 17.84 8.55
CA GLN A 175 -0.68 16.77 8.51
C GLN A 175 -1.10 15.60 7.63
N ASP A 176 -0.18 15.18 6.77
CA ASP A 176 -0.40 14.10 5.82
C ASP A 176 -1.36 12.99 6.23
N ASP A 177 -1.49 12.67 7.51
CA ASP A 177 -2.41 11.59 7.85
C ASP A 177 -3.66 12.04 8.58
N ASP A 178 -4.09 13.26 8.28
CA ASP A 178 -5.28 13.81 8.90
C ASP A 178 -6.53 13.19 8.31
N VAL A 179 -7.52 12.97 9.17
CA VAL A 179 -8.81 12.45 8.70
C VAL A 179 -9.61 13.74 8.41
N ILE A 180 -10.89 13.61 8.08
CA ILE A 180 -11.68 14.79 7.79
C ILE A 180 -13.15 14.45 7.67
N CYS A 181 -14.00 15.48 7.71
CA CYS A 181 -15.43 15.30 7.61
C CYS A 181 -16.03 16.32 6.66
N THR A 182 -15.85 16.10 5.36
CA THR A 182 -16.37 17.02 4.36
C THR A 182 -17.87 16.89 4.28
N THR A 183 -18.48 17.89 3.67
CA THR A 183 -19.93 17.91 3.49
C THR A 183 -20.20 17.69 2.01
N GLU A 184 -19.73 18.62 1.19
CA GLU A 184 -19.89 18.61 -0.27
C GLU A 184 -20.59 17.38 -0.84
N TYR A 185 -19.98 16.21 -0.70
CA TYR A 185 -20.55 14.98 -1.25
C TYR A 185 -21.71 14.42 -0.43
N SER A 186 -22.55 15.30 0.08
CA SER A 186 -23.69 14.87 0.87
C SER A 186 -24.95 15.73 0.69
N ARG A 187 -24.98 16.53 -0.37
CA ARG A 187 -26.13 17.36 -0.63
C ARG A 187 -27.05 16.57 -1.56
N ILE A 188 -28.08 15.97 -1.00
CA ILE A 188 -29.03 15.16 -1.77
C ILE A 188 -29.29 15.63 -3.19
N VAL A 189 -29.31 16.96 -3.38
CA VAL A 189 -29.57 17.56 -4.68
C VAL A 189 -29.43 16.55 -5.83
N PRO A 190 -28.20 16.21 -6.26
CA PRO A 190 -28.19 15.22 -7.35
C PRO A 190 -28.67 13.88 -6.77
N LEU A 191 -29.90 13.50 -7.11
CA LEU A 191 -30.49 12.28 -6.58
C LEU A 191 -30.39 11.07 -7.48
N GLU A 192 -29.71 11.20 -8.61
CA GLU A 192 -29.57 10.09 -9.52
C GLU A 192 -28.13 9.62 -9.68
N ASN A 193 -27.58 9.71 -10.88
CA ASN A 193 -26.21 9.26 -11.10
C ASN A 193 -25.21 10.15 -10.38
N GLY A 194 -25.11 9.97 -9.07
CA GLY A 194 -24.19 10.77 -8.28
C GLY A 194 -22.81 10.20 -8.13
N GLU A 195 -21.80 11.04 -8.37
CA GLU A 195 -20.41 10.62 -8.27
C GLU A 195 -19.62 11.32 -7.17
N ILE A 196 -18.86 10.54 -6.41
CA ILE A 196 -18.03 11.07 -5.34
C ILE A 196 -16.61 10.66 -5.65
N VAL A 197 -15.67 11.55 -5.43
CA VAL A 197 -14.28 11.22 -5.67
C VAL A 197 -13.42 11.64 -4.47
N VAL A 198 -12.96 10.64 -3.74
CA VAL A 198 -12.10 10.90 -2.60
C VAL A 198 -10.70 10.71 -3.11
N SER A 199 -9.88 11.73 -3.00
CA SER A 199 -8.50 11.62 -3.42
C SER A 199 -7.70 11.61 -2.13
N LEU A 200 -7.02 10.50 -1.83
CA LEU A 200 -6.26 10.41 -0.58
C LEU A 200 -4.96 11.19 -0.62
N VAL A 201 -4.60 11.67 -1.80
CA VAL A 201 -3.35 12.42 -1.94
C VAL A 201 -3.49 13.94 -2.07
N ASN A 202 -4.45 14.38 -2.89
CA ASN A 202 -4.68 15.79 -3.14
C ASN A 202 -4.92 16.59 -1.87
N GLY A 203 -4.23 17.73 -1.77
CA GLY A 203 -4.34 18.57 -0.61
C GLY A 203 -3.09 18.36 0.22
N ARG A 204 -3.09 17.28 1.00
CA ARG A 204 -1.98 16.89 1.87
C ARG A 204 -0.65 17.61 1.56
N PRO A 205 0.05 18.06 2.60
CA PRO A 205 1.32 18.76 2.41
C PRO A 205 2.37 17.94 1.68
N GLY A 206 2.29 16.62 1.82
CA GLY A 206 3.24 15.74 1.19
C GLY A 206 3.18 15.59 -0.32
N ALA A 207 1.98 15.68 -0.90
CA ALA A 207 1.80 15.53 -2.35
C ALA A 207 2.85 16.30 -3.14
N LEU A 208 3.37 17.37 -2.54
CA LEU A 208 4.40 18.19 -3.19
C LEU A 208 5.64 17.33 -3.45
N ASN A 209 6.26 16.91 -2.35
CA ASN A 209 7.48 16.12 -2.32
C ASN A 209 7.14 14.76 -1.67
N PHE A 210 6.33 13.98 -2.40
CA PHE A 210 5.87 12.66 -1.95
C PHE A 210 7.00 11.75 -1.48
N SER A 211 8.01 11.63 -2.34
CA SER A 211 9.20 10.81 -2.10
C SER A 211 9.78 10.93 -0.68
N TYR A 212 9.69 12.11 -0.08
CA TYR A 212 10.20 12.32 1.26
C TYR A 212 9.08 12.47 2.30
N SER A 213 7.91 11.91 2.02
CA SER A 213 6.78 11.99 2.94
C SER A 213 6.25 10.62 3.34
N PRO A 214 6.90 9.97 4.31
CA PRO A 214 6.47 8.65 4.76
C PRO A 214 5.04 8.60 5.27
N LEU A 215 4.61 9.62 6.01
CA LEU A 215 3.25 9.64 6.53
C LEU A 215 2.23 9.42 5.41
N LEU A 216 2.38 10.19 4.33
CA LEU A 216 1.49 10.08 3.18
C LEU A 216 1.57 8.66 2.62
N ARG A 217 2.79 8.22 2.34
CA ARG A 217 3.04 6.88 1.80
C ARG A 217 2.35 5.82 2.65
N ASP A 218 2.29 6.04 3.96
CA ASP A 218 1.64 5.08 4.83
C ASP A 218 0.14 5.31 4.84
N PHE A 219 -0.26 6.57 4.76
CA PHE A 219 -1.67 6.93 4.76
C PHE A 219 -2.38 6.32 3.57
N THR A 220 -1.66 6.20 2.46
CA THR A 220 -2.22 5.66 1.23
C THR A 220 -2.19 4.15 1.04
N LYS A 221 -1.41 3.42 1.83
CA LYS A 221 -1.37 1.98 1.67
C LYS A 221 -2.71 1.38 2.06
N ALA A 222 -2.97 0.16 1.61
CA ALA A 222 -4.25 -0.47 1.93
C ALA A 222 -4.32 -1.91 1.44
N THR A 223 -5.20 -2.67 2.06
CA THR A 223 -5.40 -4.07 1.73
C THR A 223 -6.86 -4.28 1.41
N ASN A 224 -7.70 -3.63 2.22
CA ASN A 224 -9.13 -3.70 2.03
C ASN A 224 -9.61 -2.26 2.09
N ILE A 225 -10.67 -1.98 1.37
CA ILE A 225 -11.24 -0.64 1.36
C ILE A 225 -12.70 -0.89 1.66
N ARG A 226 -13.28 -0.07 2.52
CA ARG A 226 -14.69 -0.26 2.85
C ARG A 226 -15.49 1.01 2.85
N LEU A 227 -16.71 0.90 2.33
CA LEU A 227 -17.65 2.00 2.29
C LEU A 227 -18.65 1.71 3.40
N ARG A 228 -18.61 2.51 4.46
CA ARG A 228 -19.51 2.31 5.58
C ARG A 228 -20.62 3.36 5.61
N PHE A 229 -21.80 2.98 5.14
CA PHE A 229 -22.95 3.89 5.14
C PHE A 229 -23.64 3.86 6.51
N LEU A 230 -23.89 5.04 7.05
CA LEU A 230 -24.54 5.15 8.35
C LEU A 230 -25.96 5.69 8.29
N ARG A 231 -26.21 6.65 7.42
CA ARG A 231 -27.53 7.21 7.32
C ARG A 231 -27.84 7.80 5.95
N THR A 232 -28.95 7.36 5.38
CA THR A 232 -29.39 7.83 4.08
C THR A 232 -29.59 9.34 4.12
N ASN A 233 -29.60 9.96 2.95
CA ASN A 233 -29.77 11.40 2.86
C ASN A 233 -31.25 11.74 2.71
N THR A 234 -32.05 11.33 3.69
CA THR A 234 -33.50 11.58 3.69
C THR A 234 -33.80 13.08 3.73
N LEU A 235 -33.86 13.71 2.56
CA LEU A 235 -34.14 15.15 2.52
C LEU A 235 -35.47 15.48 1.84
N LEU A 236 -35.66 16.76 1.53
CA LEU A 236 -36.87 17.29 0.91
C LEU A 236 -37.86 17.69 2.00
N GLY A 237 -38.76 16.79 2.35
CA GLY A 237 -39.75 17.06 3.39
C GLY A 237 -40.44 15.80 3.86
N HIS A 238 -39.82 14.64 3.63
CA HIS A 238 -40.38 13.36 4.04
C HIS A 238 -40.00 13.04 5.47
N LEU A 239 -39.29 13.96 6.12
CA LEU A 239 -38.84 13.77 7.49
C LEU A 239 -39.88 13.13 8.41
N MET A 240 -41.01 13.80 8.60
CA MET A 240 -42.04 13.27 9.47
C MET A 240 -42.48 11.89 9.03
N GLY A 241 -42.80 11.74 7.75
CA GLY A 241 -43.21 10.43 7.26
C GLY A 241 -42.15 9.40 7.59
N LYS A 242 -40.91 9.68 7.16
CA LYS A 242 -39.80 8.78 7.38
C LYS A 242 -39.58 8.45 8.85
N ALA A 243 -39.58 9.48 9.70
CA ALA A 243 -39.37 9.27 11.13
C ALA A 243 -40.48 8.39 11.70
N LEU A 244 -41.69 8.62 11.21
CA LEU A 244 -42.87 7.87 11.63
C LEU A 244 -42.79 6.42 11.16
N ARG A 245 -42.06 6.20 10.07
CA ARG A 245 -41.89 4.87 9.46
C ARG A 245 -43.07 4.52 8.57
N ASP A 246 -43.41 5.45 7.69
CA ASP A 246 -44.51 5.27 6.74
C ASP A 246 -44.04 4.66 5.43
N PRO A 247 -44.64 3.52 5.04
CA PRO A 247 -44.33 2.78 3.80
C PRO A 247 -44.59 3.51 2.48
N THR A 248 -44.48 4.83 2.49
CA THR A 248 -44.67 5.64 1.28
C THR A 248 -43.45 6.55 1.17
N VAL A 249 -42.62 6.46 2.20
CA VAL A 249 -41.40 7.23 2.28
C VAL A 249 -40.22 6.28 2.50
N THR A 250 -40.44 5.22 3.27
CA THR A 250 -39.40 4.25 3.55
C THR A 250 -39.17 3.29 2.37
N ARG A 251 -40.06 3.34 1.39
CA ARG A 251 -39.97 2.49 0.21
C ARG A 251 -39.42 3.27 -0.98
N ARG A 252 -38.68 4.33 -0.67
CA ARG A 252 -38.07 5.14 -1.70
C ARG A 252 -36.75 5.67 -1.14
N TYR A 253 -36.23 4.94 -0.16
CA TYR A 253 -34.97 5.29 0.51
C TYR A 253 -34.11 4.04 0.67
N TYR A 254 -32.95 4.05 0.00
CA TYR A 254 -32.00 2.94 0.00
C TYR A 254 -30.65 3.42 -0.56
N TYR A 255 -29.76 2.49 -0.88
CA TYR A 255 -28.45 2.82 -1.44
C TYR A 255 -28.26 2.19 -2.81
N SER A 256 -27.64 2.92 -3.74
CA SER A 256 -27.41 2.39 -5.08
C SER A 256 -26.05 2.72 -5.68
N ILE A 257 -25.18 1.72 -5.76
CA ILE A 257 -23.87 1.93 -6.36
C ILE A 257 -23.84 1.16 -7.67
N LYS A 258 -23.38 1.80 -8.74
CA LYS A 258 -23.31 1.13 -10.02
C LYS A 258 -21.88 1.04 -10.52
N ASP A 259 -20.93 1.43 -9.66
CA ASP A 259 -19.52 1.40 -10.05
C ASP A 259 -18.58 1.89 -8.95
N ILE A 260 -17.65 1.04 -8.53
CA ILE A 260 -16.67 1.44 -7.52
C ILE A 260 -15.32 1.31 -8.21
N SER A 261 -14.66 2.44 -8.47
CA SER A 261 -13.38 2.42 -9.15
C SER A 261 -12.24 2.98 -8.31
N ILE A 262 -11.33 2.11 -7.87
CA ILE A 262 -10.20 2.52 -7.05
C ILE A 262 -8.89 2.59 -7.83
N GLY A 263 -8.37 3.81 -8.00
CA GLY A 263 -7.13 3.96 -8.72
C GLY A 263 -5.94 3.78 -7.81
N GLY A 264 -5.09 2.80 -8.12
CA GLY A 264 -3.92 2.55 -7.28
C GLY A 264 -2.80 1.90 -8.05
N ARG A 265 -1.76 1.50 -7.32
CA ARG A 265 -0.62 0.87 -7.95
C ARG A 265 0.18 -0.04 -7.01
N CYS A 266 1.04 -0.88 -7.57
CA CYS A 266 1.86 -1.78 -6.78
C CYS A 266 2.78 -0.98 -5.87
N VAL A 267 3.23 -1.60 -4.79
CA VAL A 267 4.15 -0.95 -3.87
C VAL A 267 5.52 -1.48 -4.24
N CYS A 268 6.45 -0.61 -4.65
CA CYS A 268 7.77 -1.11 -5.00
C CYS A 268 8.89 -0.26 -4.46
N HIS A 269 8.56 0.64 -3.54
CA HIS A 269 9.57 1.49 -2.92
C HIS A 269 10.46 2.27 -3.91
N GLY A 270 9.91 2.56 -5.09
CA GLY A 270 10.60 3.33 -6.10
C GLY A 270 11.63 2.57 -6.91
N HIS A 271 11.58 1.25 -6.82
CA HIS A 271 12.54 0.42 -7.52
C HIS A 271 11.96 -0.32 -8.71
N ALA A 272 10.79 0.09 -9.17
CA ALA A 272 10.20 -0.61 -10.29
C ALA A 272 9.12 0.19 -10.97
N ASP A 273 9.03 0.07 -12.28
CA ASP A 273 8.00 0.81 -13.00
C ASP A 273 7.08 -0.13 -13.75
N VAL A 274 7.10 -1.40 -13.36
CA VAL A 274 6.21 -2.39 -13.97
C VAL A 274 6.05 -3.59 -13.03
N CYS A 275 4.81 -4.05 -12.86
CA CYS A 275 4.54 -5.21 -12.00
C CYS A 275 3.39 -5.98 -12.63
N ASP A 276 3.64 -7.22 -13.01
CA ASP A 276 2.60 -8.03 -13.61
C ASP A 276 2.40 -9.26 -12.77
N ALA A 277 1.64 -10.21 -13.31
CA ALA A 277 1.38 -11.46 -12.62
C ALA A 277 2.35 -12.50 -13.16
N LYS A 278 3.21 -13.03 -12.28
CA LYS A 278 4.17 -14.06 -12.67
C LYS A 278 3.50 -15.39 -13.03
N ASP A 279 2.35 -15.66 -12.41
CA ASP A 279 1.65 -16.92 -12.61
C ASP A 279 0.27 -16.75 -13.26
N PRO A 280 0.10 -17.23 -14.50
CA PRO A 280 -1.18 -17.12 -15.21
C PRO A 280 -2.32 -17.67 -14.39
N LEU A 281 -2.00 -18.66 -13.57
CA LEU A 281 -2.99 -19.31 -12.73
C LEU A 281 -3.42 -18.47 -11.55
N ASP A 282 -2.65 -17.44 -11.22
CA ASP A 282 -2.95 -16.56 -10.09
C ASP A 282 -2.85 -15.14 -10.69
N PRO A 283 -3.63 -14.87 -11.73
CA PRO A 283 -3.70 -13.62 -12.49
C PRO A 283 -3.78 -12.32 -11.73
N PHE A 284 -4.11 -12.38 -10.45
CA PHE A 284 -4.21 -11.14 -9.69
C PHE A 284 -3.11 -10.86 -8.67
N ARG A 285 -2.22 -11.81 -8.43
CA ARG A 285 -1.14 -11.55 -7.50
C ARG A 285 0.01 -10.96 -8.30
N LEU A 286 0.26 -9.67 -8.12
CA LEU A 286 1.29 -9.01 -8.88
C LEU A 286 2.61 -9.00 -8.16
N GLN A 287 3.70 -8.89 -8.91
CA GLN A 287 5.04 -8.83 -8.33
C GLN A 287 5.87 -7.78 -9.07
N CYS A 288 6.56 -6.91 -8.32
CA CYS A 288 7.38 -5.87 -8.94
C CYS A 288 8.53 -6.44 -9.76
N ALA A 289 8.84 -5.78 -10.87
CA ALA A 289 9.96 -6.19 -11.70
C ALA A 289 11.06 -5.31 -11.13
N CYS A 290 11.58 -5.70 -9.96
CA CYS A 290 12.59 -4.91 -9.29
C CYS A 290 13.87 -4.59 -10.04
N GLN A 291 14.37 -3.39 -9.82
CA GLN A 291 15.59 -2.87 -10.42
C GLN A 291 16.48 -2.34 -9.30
N HIS A 292 17.54 -1.64 -9.66
CA HIS A 292 18.42 -1.11 -8.63
C HIS A 292 19.01 -2.23 -7.77
N ASN A 293 19.12 -3.43 -8.34
CA ASN A 293 19.67 -4.57 -7.63
C ASN A 293 18.87 -4.97 -6.39
N THR A 294 17.62 -4.54 -6.32
CA THR A 294 16.80 -4.90 -5.19
C THR A 294 16.17 -6.22 -5.55
N CYS A 295 15.56 -6.86 -4.55
CA CYS A 295 14.90 -8.15 -4.69
C CYS A 295 13.73 -8.15 -3.71
N GLY A 296 12.82 -9.12 -3.86
CA GLY A 296 11.68 -9.20 -2.96
C GLY A 296 10.33 -9.05 -3.62
N GLY A 297 10.31 -8.44 -4.80
CA GLY A 297 9.02 -8.28 -5.45
C GLY A 297 8.19 -7.37 -4.58
N SER A 298 8.87 -6.37 -4.06
CA SER A 298 8.32 -5.32 -3.21
C SER A 298 9.59 -4.49 -3.19
N CYS A 299 10.64 -5.11 -3.69
CA CYS A 299 11.96 -4.53 -3.78
C CYS A 299 12.33 -3.96 -2.46
N ASP A 300 11.86 -4.62 -1.40
CA ASP A 300 12.16 -4.20 -0.02
C ASP A 300 13.47 -4.71 0.55
N ARG A 301 14.21 -5.50 -0.23
CA ARG A 301 15.51 -5.98 0.23
C ARG A 301 16.49 -6.04 -0.93
N CYS A 302 17.77 -6.10 -0.60
CA CYS A 302 18.82 -6.17 -1.60
C CYS A 302 18.91 -7.60 -2.10
N CYS A 303 19.63 -7.80 -3.19
CA CYS A 303 19.80 -9.12 -3.75
C CYS A 303 21.09 -9.74 -3.24
N PRO A 304 21.13 -11.09 -3.20
CA PRO A 304 22.32 -11.79 -2.73
C PRO A 304 23.52 -11.21 -3.46
N GLY A 305 24.51 -10.78 -2.70
CA GLY A 305 25.71 -10.22 -3.30
C GLY A 305 25.74 -8.72 -3.17
N PHE A 306 24.58 -8.10 -2.93
CA PHE A 306 24.54 -6.65 -2.82
C PHE A 306 24.19 -6.12 -1.43
N ASN A 307 25.12 -6.17 -0.49
CA ASN A 307 24.81 -5.66 0.84
C ASN A 307 25.81 -4.68 1.45
N GLN A 308 26.76 -4.18 0.66
CA GLN A 308 27.73 -3.23 1.19
C GLN A 308 27.06 -2.08 1.93
N GLN A 309 25.91 -1.63 1.42
CA GLN A 309 25.17 -0.53 2.06
C GLN A 309 23.84 -1.03 2.58
N PRO A 310 23.16 -0.23 3.39
CA PRO A 310 21.85 -0.70 3.89
C PRO A 310 20.84 -0.49 2.77
N TRP A 311 19.71 -1.18 2.86
CA TRP A 311 18.69 -1.02 1.83
C TRP A 311 17.95 0.30 2.01
N LYS A 312 17.47 0.88 0.91
CA LYS A 312 16.72 2.13 0.98
C LYS A 312 15.71 2.29 -0.15
N PRO A 313 14.61 2.98 0.11
CA PRO A 313 13.65 3.14 -0.99
C PRO A 313 14.25 4.24 -1.85
N ALA A 314 13.83 4.34 -3.11
CA ALA A 314 14.38 5.36 -4.00
C ALA A 314 13.76 6.74 -3.87
N THR A 315 14.60 7.76 -3.88
CA THR A 315 14.10 9.14 -3.79
C THR A 315 14.39 9.83 -5.11
N THR A 316 13.82 11.01 -5.25
CA THR A 316 14.00 11.81 -6.43
C THR A 316 15.49 12.01 -6.74
N ASP A 317 16.28 12.18 -5.68
CA ASP A 317 17.72 12.42 -5.80
C ASP A 317 18.56 11.23 -6.23
N SER A 318 18.46 10.15 -5.49
CA SER A 318 19.26 8.99 -5.83
C SER A 318 18.45 7.73 -6.01
N ALA A 319 18.98 6.83 -6.82
CA ALA A 319 18.33 5.55 -7.05
C ALA A 319 18.49 4.75 -5.76
N ASN A 320 19.58 4.99 -5.03
CA ASN A 320 19.84 4.27 -3.81
C ASN A 320 19.95 2.78 -4.10
N GLU A 321 20.52 2.41 -5.23
CA GLU A 321 20.61 1.01 -5.53
C GLU A 321 21.64 0.29 -4.67
N CYS A 322 21.38 -0.98 -4.43
CA CYS A 322 22.24 -1.81 -3.61
C CYS A 322 23.64 -1.96 -4.20
N GLN A 323 24.64 -1.91 -3.33
CA GLN A 323 26.03 -2.03 -3.73
C GLN A 323 26.50 -3.48 -3.50
N SER A 324 27.48 -3.92 -4.26
CA SER A 324 27.98 -5.28 -4.09
C SER A 324 29.08 -5.38 -3.04
N CYS A 325 28.94 -6.37 -2.14
CA CYS A 325 29.96 -6.58 -1.12
C CYS A 325 31.14 -7.26 -1.82
N ASN A 326 32.24 -7.46 -1.11
CA ASN A 326 33.43 -8.07 -1.72
C ASN A 326 33.91 -9.27 -0.91
N CYS A 327 33.98 -10.44 -1.53
CA CYS A 327 34.43 -11.62 -0.83
C CYS A 327 35.55 -12.35 -1.55
N HIS A 328 36.37 -11.57 -2.23
CA HIS A 328 37.50 -12.12 -2.95
C HIS A 328 37.24 -13.50 -3.56
N GLY A 329 36.09 -13.63 -4.19
CA GLY A 329 35.76 -14.89 -4.82
C GLY A 329 35.73 -16.08 -3.90
N HIS A 330 35.33 -15.88 -2.65
CA HIS A 330 35.26 -16.99 -1.71
C HIS A 330 33.87 -17.19 -1.11
N ALA A 331 32.90 -16.38 -1.53
CA ALA A 331 31.53 -16.48 -1.03
C ALA A 331 30.48 -16.18 -2.09
N TYR A 332 29.24 -16.55 -1.80
CA TYR A 332 28.13 -16.33 -2.72
C TYR A 332 27.13 -15.34 -2.16
N ASP A 333 27.25 -15.02 -0.88
CA ASP A 333 26.29 -14.13 -0.27
C ASP A 333 26.92 -13.35 0.83
N CYS A 334 26.18 -12.39 1.37
CA CYS A 334 26.69 -11.56 2.45
C CYS A 334 25.53 -10.88 3.17
N TYR A 335 25.82 -9.97 4.08
CA TYR A 335 24.76 -9.25 4.78
C TYR A 335 25.34 -7.95 5.28
N TYR A 336 24.46 -6.97 5.50
CA TYR A 336 24.92 -5.67 5.97
C TYR A 336 24.94 -5.59 7.50
N ASP A 337 26.06 -5.10 8.02
CA ASP A 337 26.25 -4.93 9.45
C ASP A 337 26.59 -3.48 9.71
N PRO A 338 25.63 -2.72 10.25
CA PRO A 338 25.83 -1.30 10.55
C PRO A 338 27.08 -1.03 11.39
N GLU A 339 27.32 -1.86 12.39
CA GLU A 339 28.50 -1.69 13.25
C GLU A 339 29.75 -1.65 12.39
N VAL A 340 29.91 -2.69 11.56
CA VAL A 340 31.05 -2.84 10.66
C VAL A 340 31.23 -1.62 9.76
N ASP A 341 30.12 -1.09 9.25
CA ASP A 341 30.12 0.07 8.36
C ASP A 341 30.56 1.31 9.12
N ARG A 342 30.03 1.46 10.33
CA ARG A 342 30.36 2.58 11.20
C ARG A 342 31.80 2.40 11.67
N ARG A 343 32.23 1.14 11.73
CA ARG A 343 33.56 0.80 12.19
C ARG A 343 34.55 0.81 11.02
N GLU A 344 34.05 1.04 9.81
CA GLU A 344 34.87 1.08 8.60
C GLU A 344 35.79 -0.14 8.43
N ALA A 345 35.24 -1.33 8.66
CA ALA A 345 36.01 -2.57 8.56
C ALA A 345 35.51 -3.54 7.48
N SER A 346 35.29 -3.04 6.28
CA SER A 346 34.82 -3.88 5.17
C SER A 346 35.22 -3.28 3.84
N GLN A 347 35.71 -4.12 2.95
CA GLN A 347 36.15 -3.67 1.62
C GLN A 347 35.01 -3.67 0.60
N ASN A 348 34.90 -2.60 -0.18
CA ASN A 348 33.87 -2.55 -1.20
C ASN A 348 34.50 -3.21 -2.41
N GLN A 349 33.86 -3.10 -3.57
CA GLN A 349 34.39 -3.70 -4.78
C GLN A 349 35.76 -3.19 -5.16
N ASP A 350 36.01 -1.90 -4.95
CA ASP A 350 37.30 -1.30 -5.31
C ASP A 350 38.41 -1.48 -4.29
N ASN A 351 38.09 -2.09 -3.17
CA ASN A 351 39.07 -2.32 -2.10
C ASN A 351 39.27 -1.15 -1.14
N VAL A 352 38.23 -0.34 -0.96
CA VAL A 352 38.30 0.77 -0.03
C VAL A 352 37.35 0.40 1.09
N TYR A 353 37.58 0.93 2.29
CA TYR A 353 36.71 0.61 3.39
C TYR A 353 35.54 1.56 3.51
N GLN A 354 34.69 1.56 2.48
CA GLN A 354 33.52 2.43 2.46
C GLN A 354 32.22 1.65 2.42
N GLY A 355 32.02 0.76 3.39
CA GLY A 355 30.79 -0.01 3.42
C GLY A 355 30.61 -0.78 4.71
N GLY A 356 29.69 -1.73 4.71
CA GLY A 356 29.43 -2.54 5.88
C GLY A 356 29.04 -3.96 5.53
N GLY A 357 29.62 -4.47 4.45
CA GLY A 357 29.30 -5.83 4.01
C GLY A 357 30.10 -6.93 4.67
N VAL A 358 29.41 -8.00 5.08
CA VAL A 358 30.03 -9.15 5.74
C VAL A 358 29.75 -10.46 5.00
N CYS A 359 30.80 -11.12 4.52
CA CYS A 359 30.64 -12.36 3.78
C CYS A 359 30.19 -13.48 4.66
N LEU A 360 29.29 -14.31 4.17
CA LEU A 360 28.79 -15.45 4.90
C LEU A 360 29.45 -16.70 4.33
N ASP A 361 29.85 -17.63 5.19
CA ASP A 361 30.44 -18.88 4.76
C ASP A 361 31.62 -18.79 3.84
N CYS A 362 32.68 -18.10 4.25
CA CYS A 362 33.84 -18.05 3.38
C CYS A 362 34.28 -19.47 3.03
N GLN A 363 34.60 -19.71 1.76
CA GLN A 363 35.06 -21.02 1.32
C GLN A 363 36.57 -20.93 1.13
N HIS A 364 37.22 -22.08 0.92
CA HIS A 364 38.65 -22.12 0.68
C HIS A 364 39.57 -21.93 1.89
N HIS A 365 39.10 -22.36 3.07
CA HIS A 365 39.92 -22.22 4.28
C HIS A 365 40.18 -20.73 4.47
N THR A 366 39.23 -19.92 4.05
CA THR A 366 39.37 -18.47 4.16
C THR A 366 38.48 -18.01 5.31
N THR A 367 38.62 -16.74 5.68
CA THR A 367 37.80 -16.17 6.72
C THR A 367 38.10 -14.67 6.84
N GLY A 368 37.19 -13.93 7.46
CA GLY A 368 37.37 -12.50 7.59
C GLY A 368 36.11 -11.80 7.08
N ILE A 369 36.03 -10.49 7.26
CA ILE A 369 34.88 -9.72 6.80
C ILE A 369 34.74 -9.86 5.29
N ASN A 370 35.87 -9.88 4.57
CA ASN A 370 35.85 -10.03 3.13
C ASN A 370 36.52 -11.32 2.72
N CYS A 371 36.65 -12.27 3.65
CA CYS A 371 37.33 -13.52 3.36
C CYS A 371 38.71 -13.17 2.80
N GLU A 372 39.42 -12.27 3.48
CA GLU A 372 40.74 -11.86 3.03
C GLU A 372 41.90 -12.52 3.80
N ARG A 373 41.55 -13.21 4.87
CA ARG A 373 42.54 -13.90 5.71
C ARG A 373 42.36 -15.40 5.61
N CYS A 374 43.34 -16.14 6.11
CA CYS A 374 43.26 -17.59 6.13
C CYS A 374 42.83 -18.02 7.54
N LEU A 375 41.99 -19.04 7.61
CA LEU A 375 41.57 -19.55 8.91
C LEU A 375 42.85 -19.88 9.67
N PRO A 376 42.84 -19.74 11.01
CA PRO A 376 44.07 -20.07 11.76
C PRO A 376 44.45 -21.54 11.53
N GLY A 377 45.74 -21.78 11.30
CA GLY A 377 46.20 -23.12 11.04
C GLY A 377 46.55 -23.29 9.57
N PHE A 378 46.06 -22.38 8.73
CA PHE A 378 46.37 -22.44 7.30
C PHE A 378 47.38 -21.35 6.96
N PHE A 379 48.11 -21.49 5.85
CA PHE A 379 49.07 -20.46 5.46
C PHE A 379 48.86 -20.03 4.03
N ARG A 380 49.12 -18.75 3.77
CA ARG A 380 48.94 -18.16 2.46
C ARG A 380 50.08 -18.44 1.51
N ALA A 381 49.77 -19.06 0.37
CA ALA A 381 50.77 -19.35 -0.65
C ALA A 381 51.20 -18.01 -1.22
N PRO A 382 52.48 -17.63 -1.05
CA PRO A 382 52.92 -16.34 -1.59
C PRO A 382 52.73 -16.27 -3.11
N ASP A 383 52.78 -17.44 -3.74
CA ASP A 383 52.63 -17.59 -5.19
C ASP A 383 51.17 -17.51 -5.65
N GLN A 384 50.26 -17.08 -4.79
CA GLN A 384 48.84 -17.02 -5.16
C GLN A 384 48.14 -15.74 -4.73
N PRO A 385 47.14 -15.32 -5.52
CA PRO A 385 46.33 -14.12 -5.27
C PRO A 385 45.08 -14.44 -4.43
N LEU A 386 44.66 -13.48 -3.60
CA LEU A 386 43.51 -13.65 -2.73
C LEU A 386 42.29 -14.34 -3.32
N ASP A 387 42.11 -14.31 -4.64
CA ASP A 387 40.93 -14.91 -5.25
C ASP A 387 41.14 -16.38 -5.57
N SER A 388 42.39 -16.81 -5.61
CA SER A 388 42.70 -18.19 -5.93
C SER A 388 41.95 -19.14 -5.04
N PRO A 389 41.42 -20.24 -5.60
CA PRO A 389 40.72 -21.17 -4.73
C PRO A 389 41.76 -21.99 -3.96
N HIS A 390 43.00 -21.50 -3.99
CA HIS A 390 44.12 -22.14 -3.32
C HIS A 390 44.93 -21.10 -2.53
N VAL A 391 44.35 -19.95 -2.24
CA VAL A 391 45.06 -18.90 -1.51
C VAL A 391 45.70 -19.47 -0.25
N CYS A 392 44.89 -20.23 0.47
CA CYS A 392 45.33 -20.82 1.72
C CYS A 392 45.55 -22.30 1.62
N ARG A 393 46.79 -22.71 1.91
CA ARG A 393 47.16 -24.11 1.88
C ARG A 393 47.18 -24.65 3.31
N PRO A 394 46.89 -25.93 3.48
CA PRO A 394 46.90 -26.51 4.83
C PRO A 394 48.31 -26.68 5.41
N ALA A 395 48.38 -26.90 6.72
CA ALA A 395 49.65 -27.09 7.41
C ALA A 395 50.43 -28.24 6.79
N ALA A 396 51.70 -27.96 6.49
CA ALA A 396 52.60 -28.93 5.89
C ALA A 396 53.15 -29.91 6.91
N ALA A 397 53.69 -31.02 6.43
CA ALA A 397 54.27 -32.00 7.32
C ALA A 397 55.52 -31.37 7.95
N HIS A 398 55.91 -31.90 9.11
CA HIS A 398 57.08 -31.44 9.84
C HIS A 398 58.35 -31.86 9.10
N HIS A 399 58.27 -32.84 8.32
C1 NAG B . -20.73 -2.28 9.28
C2 NAG B . -21.07 -3.49 10.15
C3 NAG B . -20.52 -3.33 11.58
C4 NAG B . -19.07 -2.81 11.62
C5 NAG B . -18.85 -1.67 10.60
C6 NAG B . -17.39 -1.27 10.46
C7 NAG B . -23.22 -3.99 9.17
C8 NAG B . -23.98 -2.89 8.45
N2 NAG B . -22.51 -3.65 10.24
O3 NAG B . -20.58 -4.59 12.24
O4 NAG B . -18.79 -2.30 12.93
O5 NAG B . -19.32 -2.06 9.29
O6 NAG B . -17.24 0.14 10.58
O7 NAG B . -23.29 -5.16 8.76
C1 NAG B . -18.13 -3.15 13.81
C2 NAG B . -17.44 -2.32 14.89
C3 NAG B . -16.69 -3.26 15.84
C4 NAG B . -17.71 -4.22 16.47
C5 NAG B . -18.48 -4.96 15.35
C6 NAG B . -19.59 -5.84 15.89
C7 NAG B . -16.33 -0.19 14.87
C8 NAG B . -17.29 0.93 14.53
N2 NAG B . -16.52 -1.37 14.29
O3 NAG B . -16.05 -2.49 16.85
O4 NAG B . -17.03 -5.17 17.29
O5 NAG B . -19.10 -4.01 14.44
O6 NAG B . -19.09 -7.14 16.22
O7 NAG B . -15.42 0.00 15.68
C1 NAG C . 11.97 16.95 -0.40
C2 NAG C . 12.07 18.41 -0.90
C3 NAG C . 13.54 18.83 -0.94
C4 NAG C . 14.21 18.63 0.42
C5 NAG C . 14.00 17.17 0.89
C6 NAG C . 14.54 16.91 2.28
C7 NAG C . 10.85 19.64 -2.56
C8 NAG C . 11.63 20.66 -3.38
N2 NAG C . 11.49 18.52 -2.23
O3 NAG C . 13.65 20.19 -1.32
O4 NAG C . 15.60 18.90 0.33
O5 NAG C . 12.58 16.85 0.91
O6 NAG C . 13.53 17.09 3.27
O7 NAG C . 9.68 19.86 -2.25
P PO4 D . 5.05 3.15 -5.02
O1 PO4 D . 4.08 3.87 -5.87
O2 PO4 D . 6.34 3.01 -5.75
O3 PO4 D . 4.51 1.82 -4.70
O4 PO4 D . 5.28 3.92 -3.77
P PO4 E . 6.66 3.35 -0.81
O1 PO4 E . 5.71 4.40 -1.24
O2 PO4 E . 8.04 3.90 -0.79
O3 PO4 E . 6.60 2.21 -1.77
O4 PO4 E . 6.30 2.87 0.54
P PO4 F . 8.38 3.40 3.19
O1 PO4 F . 8.36 4.32 4.36
O2 PO4 F . 9.53 2.46 3.34
O3 PO4 F . 8.56 4.18 1.95
O4 PO4 F . 7.11 2.64 3.13
P PO4 G . 3.36 -5.40 -4.09
O1 PO4 G . 4.49 -4.94 -4.93
O2 PO4 G . 3.19 -6.87 -4.26
O3 PO4 G . 2.11 -4.69 -4.50
O4 PO4 G . 3.66 -5.09 -2.66
P PO4 H . 8.36 -9.36 0.08
O1 PO4 H . 7.40 -8.55 -0.69
O2 PO4 H . 7.95 -9.42 1.51
O3 PO4 H . 9.71 -8.74 -0.02
O4 PO4 H . 8.41 -10.74 -0.48
P PO4 I . 38.57 -8.54 9.63
O1 PO4 I . 38.07 -7.14 9.59
O2 PO4 I . 38.25 -9.22 8.35
O3 PO4 I . 37.91 -9.26 10.76
O4 PO4 I . 40.04 -8.54 9.85
#